data_4WO5
#
_entry.id   4WO5
#
_cell.length_a   65.610
_cell.length_b   72.748
_cell.length_c   243.338
_cell.angle_alpha   90.00
_cell.angle_beta   90.00
_cell.angle_gamma   90.00
#
_symmetry.space_group_name_H-M   'I 2 2 2'
#
loop_
_entity.id
_entity.type
_entity.pdbx_description
1 polymer 'Serine/threonine-protein kinase B-raf'
2 non-polymer N-{3-[(5-chloro-1H-pyrrolo[2,3-b]pyridin-3-yl)carbonyl]-2,4-difluorophenyl}propane-1-sulfonamide
3 water water
#
_entity_poly.entity_id   1
_entity_poly.type   'polypeptide(L)'
_entity_poly.pdbx_seq_one_letter_code
;MGSSHHHHHHSSGETVRFQGRDSSDDWEIPDGQITVGQRIGSGSFGTVYKGKWHGDVAVKMLNVTAPTPQQLQAFKNEVG
VLRKTRHVNILLFMGYSTKPQLAIVTQWCEGSSLYHHLHASETKFEMKKLIDIARQTARGMDYLHAKSIIHRDLKSNNIF
LHEDNTVKIGDFGLATVKSRWSGSHQFEQLSGSILWMAPEVIRMQDSNPYSFQSDVYAFGIVLYELMTGQLPYSNINNRD
QIIEMVGRGSLSPDLSKVRSNCPKRMKRLMAECLKKKRDERPSFPRILAEIEELARELSG
;
_entity_poly.pdbx_strand_id   A,B
#
loop_
_chem_comp.id
_chem_comp.type
_chem_comp.name
_chem_comp.formula
324 non-polymer N-{3-[(5-chloro-1H-pyrrolo[2,3-b]pyridin-3-yl)carbonyl]-2,4-difluorophenyl}propane-1-sulfonamide 'C17 H14 Cl F2 N3 O3 S'
#
# COMPACT_ATOMS: atom_id res chain seq x y z
N ASP A 25 -6.96 -9.19 23.33
CA ASP A 25 -7.03 -10.03 24.53
C ASP A 25 -5.95 -11.10 24.52
N ASP A 26 -5.91 -11.89 23.44
CA ASP A 26 -4.87 -12.90 23.24
C ASP A 26 -3.70 -12.20 22.54
N TRP A 27 -3.76 -10.87 22.63
CA TRP A 27 -2.81 -9.87 22.14
C TRP A 27 -2.10 -9.23 23.32
N GLU A 28 -2.38 -9.71 24.55
CA GLU A 28 -1.71 -9.19 25.72
C GLU A 28 -0.42 -9.99 25.86
N ILE A 29 0.73 -9.35 25.60
CA ILE A 29 2.03 -9.99 25.74
C ILE A 29 2.25 -10.22 27.24
N PRO A 30 2.33 -11.50 27.67
CA PRO A 30 2.43 -11.80 29.12
C PRO A 30 3.64 -11.21 29.84
N ASP A 31 3.48 -10.98 31.18
CA ASP A 31 4.47 -10.42 32.12
C ASP A 31 5.86 -10.98 31.88
N GLY A 32 6.81 -10.08 31.66
CA GLY A 32 8.22 -10.42 31.44
C GLY A 32 8.50 -11.20 30.19
N GLN A 33 8.12 -10.64 29.03
CA GLN A 33 8.38 -11.25 27.72
C GLN A 33 9.11 -10.27 26.82
N ILE A 34 8.92 -8.96 27.06
CA ILE A 34 9.57 -7.90 26.29
C ILE A 34 10.75 -7.33 27.09
N THR A 35 11.89 -7.19 26.41
CA THR A 35 13.12 -6.69 26.99
C THR A 35 13.26 -5.22 26.55
N VAL A 36 12.81 -4.29 27.41
CA VAL A 36 12.83 -2.86 27.13
C VAL A 36 14.25 -2.30 27.23
N GLY A 37 14.72 -1.74 26.13
CA GLY A 37 16.06 -1.20 26.04
C GLY A 37 16.14 0.28 25.75
N GLN A 38 16.87 0.61 24.68
CA GLN A 38 17.18 1.97 24.22
C GLN A 38 15.97 2.87 24.05
N ARG A 39 15.98 4.03 24.73
CA ARG A 39 14.93 5.04 24.60
C ARG A 39 15.12 5.71 23.24
N ILE A 40 14.07 5.71 22.44
CA ILE A 40 14.10 6.26 21.09
C ILE A 40 13.62 7.72 21.08
N GLY A 41 12.38 7.93 21.50
CA GLY A 41 11.77 9.25 21.56
C GLY A 41 10.42 9.22 22.23
N SER A 42 9.56 10.18 21.89
CA SER A 42 8.23 10.24 22.50
C SER A 42 7.07 10.57 21.52
N GLY A 43 6.20 9.58 21.31
CA GLY A 43 5.01 9.72 20.48
C GLY A 43 3.80 10.23 21.26
N SER A 44 2.61 10.15 20.65
CA SER A 44 1.36 10.62 21.27
C SER A 44 0.87 9.71 22.40
N PHE A 45 0.90 10.26 23.64
CA PHE A 45 0.52 9.68 24.96
C PHE A 45 1.63 8.83 25.61
N GLY A 46 2.76 8.66 24.92
CA GLY A 46 3.84 7.84 25.44
C GLY A 46 5.26 8.10 24.97
N THR A 47 6.16 7.18 25.37
CA THR A 47 7.60 7.17 25.16
C THR A 47 7.97 5.87 24.43
N VAL A 48 8.66 6.00 23.30
CA VAL A 48 9.06 4.88 22.46
C VAL A 48 10.40 4.29 22.91
N TYR A 49 10.49 2.96 22.92
CA TYR A 49 11.67 2.21 23.31
C TYR A 49 11.93 1.09 22.33
N LYS A 50 13.22 0.72 22.17
CA LYS A 50 13.58 -0.44 21.36
C LYS A 50 13.50 -1.63 22.31
N GLY A 51 12.71 -2.63 21.94
CA GLY A 51 12.52 -3.83 22.76
C GLY A 51 12.91 -5.09 22.05
N LYS A 52 12.77 -6.22 22.74
CA LYS A 52 13.06 -7.55 22.23
C LYS A 52 12.05 -8.52 22.79
N TRP A 53 11.30 -9.18 21.91
CA TRP A 53 10.29 -10.19 22.20
C TRP A 53 10.14 -10.98 20.90
N HIS A 54 10.84 -12.14 20.83
CA HIS A 54 10.96 -13.01 19.65
C HIS A 54 11.45 -12.12 18.51
N GLY A 55 12.64 -11.56 18.70
CA GLY A 55 13.24 -10.65 17.73
C GLY A 55 12.97 -9.20 18.08
N ASP A 56 13.41 -8.30 17.19
CA ASP A 56 13.27 -6.84 17.33
C ASP A 56 11.83 -6.35 17.30
N VAL A 57 11.48 -5.52 18.31
CA VAL A 57 10.18 -4.84 18.49
C VAL A 57 10.40 -3.40 18.96
N ALA A 58 9.33 -2.59 18.89
CA ALA A 58 9.26 -1.21 19.36
C ALA A 58 8.11 -1.13 20.36
N VAL A 59 8.33 -0.44 21.49
CA VAL A 59 7.35 -0.35 22.58
C VAL A 59 7.02 1.11 22.91
N LYS A 60 5.74 1.50 22.85
CA LYS A 60 5.33 2.84 23.26
C LYS A 60 4.76 2.72 24.67
N MET A 61 5.50 3.23 25.64
CA MET A 61 5.11 3.22 27.05
C MET A 61 4.20 4.38 27.29
N LEU A 62 2.92 4.12 27.50
CA LEU A 62 1.92 5.16 27.77
C LEU A 62 2.06 5.63 29.22
N ASN A 63 1.72 6.90 29.46
CA ASN A 63 1.80 7.52 30.79
C ASN A 63 0.64 7.14 31.72
N VAL A 64 0.33 5.82 31.83
CA VAL A 64 -0.75 5.27 32.67
C VAL A 64 -0.22 4.00 33.35
N THR A 65 -0.29 3.95 34.68
CA THR A 65 0.22 2.81 35.46
C THR A 65 -0.81 1.98 36.17
N ALA A 66 -1.74 2.64 36.88
CA ALA A 66 -2.80 1.94 37.61
C ALA A 66 -4.07 2.20 36.84
N PRO A 67 -4.43 1.28 35.93
CA PRO A 67 -5.65 1.50 35.14
C PRO A 67 -6.89 1.18 35.95
N THR A 68 -7.81 2.16 36.03
CA THR A 68 -9.10 2.02 36.71
C THR A 68 -10.00 1.13 35.82
N PRO A 69 -11.21 0.70 36.22
CA PRO A 69 -12.02 -0.14 35.29
C PRO A 69 -12.25 0.52 33.93
N GLN A 70 -12.63 1.82 33.92
CA GLN A 70 -12.91 2.59 32.71
C GLN A 70 -11.67 2.76 31.83
N GLN A 71 -10.49 3.00 32.44
CA GLN A 71 -9.22 3.17 31.73
C GLN A 71 -8.82 1.92 30.97
N LEU A 72 -8.93 0.75 31.63
CA LEU A 72 -8.61 -0.55 31.04
C LEU A 72 -9.57 -0.92 29.92
N GLN A 73 -10.84 -0.51 30.02
CA GLN A 73 -11.81 -0.78 28.96
C GLN A 73 -11.56 0.14 27.75
N ALA A 74 -11.20 1.40 28.01
CA ALA A 74 -10.88 2.41 27.01
C ALA A 74 -9.69 1.96 26.14
N PHE A 75 -8.61 1.48 26.80
CA PHE A 75 -7.38 0.99 26.18
C PHE A 75 -7.62 -0.28 25.38
N LYS A 76 -8.51 -1.16 25.87
CA LYS A 76 -8.81 -2.41 25.18
C LYS A 76 -9.65 -2.18 23.92
N ASN A 77 -10.41 -1.05 23.85
CA ASN A 77 -11.22 -0.65 22.69
C ASN A 77 -10.30 -0.18 21.56
N GLU A 78 -9.23 0.59 21.93
CA GLU A 78 -8.23 1.11 20.99
C GLU A 78 -7.33 -0.01 20.50
N VAL A 79 -7.10 -1.05 21.33
CA VAL A 79 -6.36 -2.24 20.90
C VAL A 79 -7.24 -3.03 19.86
N GLY A 80 -8.55 -3.01 20.05
CA GLY A 80 -9.51 -3.64 19.16
C GLY A 80 -9.52 -2.96 17.80
N VAL A 81 -9.33 -1.62 17.82
CA VAL A 81 -9.23 -0.76 16.64
C VAL A 81 -7.89 -1.05 15.98
N LEU A 82 -6.80 -1.12 16.78
CA LEU A 82 -5.44 -1.38 16.31
C LEU A 82 -5.29 -2.70 15.59
N ARG A 83 -6.03 -3.73 16.03
CA ARG A 83 -5.93 -5.06 15.40
C ARG A 83 -6.87 -5.21 14.21
N LYS A 84 -7.73 -4.20 13.96
CA LYS A 84 -8.66 -4.15 12.84
C LYS A 84 -8.22 -3.17 11.74
N THR A 85 -7.20 -2.31 12.02
CA THR A 85 -6.72 -1.33 11.04
C THR A 85 -5.26 -1.68 10.63
N ARG A 86 -5.16 -2.50 9.55
CA ARG A 86 -3.90 -3.03 8.98
C ARG A 86 -3.61 -2.45 7.59
N HIS A 87 -2.35 -2.09 7.33
CA HIS A 87 -1.91 -1.58 6.02
C HIS A 87 -0.38 -1.61 5.89
N VAL A 88 0.10 -1.88 4.66
CA VAL A 88 1.52 -1.95 4.31
C VAL A 88 2.31 -0.66 4.65
N ASN A 89 1.63 0.50 4.71
CA ASN A 89 2.30 1.78 4.96
C ASN A 89 1.98 2.39 6.29
N ILE A 90 1.38 1.61 7.20
CA ILE A 90 1.14 2.00 8.59
C ILE A 90 1.80 0.94 9.47
N LEU A 91 2.34 1.33 10.62
CA LEU A 91 3.01 0.46 11.60
C LEU A 91 2.20 -0.80 11.93
N LEU A 92 2.89 -1.94 12.10
CA LEU A 92 2.21 -3.22 12.40
C LEU A 92 2.16 -3.51 13.90
N PHE A 93 0.93 -3.50 14.43
CA PHE A 93 0.60 -3.76 15.83
C PHE A 93 0.88 -5.24 16.12
N MET A 94 1.65 -5.51 17.19
CA MET A 94 2.03 -6.86 17.57
C MET A 94 1.40 -7.32 18.88
N GLY A 95 1.03 -6.36 19.72
CA GLY A 95 0.38 -6.66 20.99
C GLY A 95 0.47 -5.54 21.99
N TYR A 96 -0.06 -5.78 23.19
CA TYR A 96 -0.07 -4.77 24.26
C TYR A 96 0.38 -5.34 25.59
N SER A 97 0.60 -4.44 26.56
CA SER A 97 1.00 -4.76 27.91
C SER A 97 0.19 -3.90 28.86
N THR A 98 0.05 -4.39 30.11
CA THR A 98 -0.69 -3.74 31.19
C THR A 98 0.25 -3.45 32.37
N LYS A 99 1.25 -4.32 32.55
CA LYS A 99 2.22 -4.24 33.64
C LYS A 99 3.68 -4.02 33.17
N PRO A 100 4.43 -3.10 33.80
CA PRO A 100 4.04 -2.20 34.91
C PRO A 100 3.29 -0.94 34.45
N GLN A 101 3.30 -0.73 33.15
CA GLN A 101 2.73 0.42 32.47
C GLN A 101 1.92 -0.08 31.29
N LEU A 102 0.95 0.74 30.81
CA LEU A 102 0.18 0.42 29.61
C LEU A 102 1.10 0.69 28.45
N ALA A 103 1.27 -0.30 27.56
CA ALA A 103 2.17 -0.18 26.41
C ALA A 103 1.61 -0.79 25.13
N ILE A 104 2.09 -0.29 23.98
CA ILE A 104 1.74 -0.70 22.61
C ILE A 104 2.99 -1.22 21.96
N VAL A 105 2.93 -2.47 21.49
CA VAL A 105 4.06 -3.13 20.83
C VAL A 105 3.80 -3.15 19.31
N THR A 106 4.75 -2.63 18.54
CA THR A 106 4.63 -2.62 17.07
C THR A 106 5.87 -3.27 16.48
N GLN A 107 5.92 -3.40 15.14
CA GLN A 107 7.08 -3.90 14.43
C GLN A 107 8.20 -2.85 14.53
N TRP A 108 9.47 -3.29 14.36
CA TRP A 108 10.61 -2.40 14.40
C TRP A 108 10.99 -2.02 12.98
N CYS A 109 11.35 -0.75 12.76
CA CYS A 109 11.75 -0.23 11.47
C CYS A 109 13.23 0.18 11.56
N GLU A 110 14.11 -0.69 11.01
CA GLU A 110 15.58 -0.60 11.02
C GLU A 110 16.16 0.71 10.47
N GLY A 111 15.52 1.26 9.45
CA GLY A 111 15.96 2.51 8.83
C GLY A 111 15.54 3.77 9.56
N SER A 112 15.03 3.65 10.81
CA SER A 112 14.62 4.74 11.70
C SER A 112 13.55 5.66 11.08
N SER A 113 13.48 6.95 11.49
CA SER A 113 12.49 7.90 10.97
C SER A 113 13.04 8.73 9.83
N LEU A 114 12.12 9.31 9.02
CA LEU A 114 12.42 10.19 7.89
C LEU A 114 13.11 11.45 8.39
N TYR A 115 12.73 11.96 9.58
CA TYR A 115 13.31 13.16 10.20
C TYR A 115 14.81 12.97 10.40
N HIS A 116 15.18 11.78 10.94
CA HIS A 116 16.55 11.34 11.20
C HIS A 116 17.36 11.42 9.90
N HIS A 117 16.77 11.02 8.77
CA HIS A 117 17.45 11.08 7.49
C HIS A 117 17.57 12.51 6.95
N LEU A 118 16.47 13.08 6.46
CA LEU A 118 16.31 14.41 5.89
C LEU A 118 17.09 15.52 6.59
N HIS A 119 16.93 15.61 7.92
CA HIS A 119 17.50 16.70 8.71
C HIS A 119 18.77 16.35 9.46
N ALA A 120 19.01 15.06 9.74
CA ALA A 120 20.20 14.63 10.49
C ALA A 120 21.05 13.55 9.77
N SER A 121 21.83 13.88 8.71
CA SER A 121 21.98 15.17 8.02
C SER A 121 22.19 14.85 6.55
N GLU A 122 21.24 15.30 5.70
CA GLU A 122 21.18 15.08 4.25
C GLU A 122 21.10 13.60 3.89
N LYS A 124 21.82 11.36 1.65
CA LYS A 124 20.99 12.04 0.65
C LYS A 124 20.22 11.05 -0.24
N PHE A 125 19.00 11.48 -0.69
CA PHE A 125 18.12 10.64 -1.50
C PHE A 125 17.89 11.19 -2.90
N GLU A 126 17.81 10.28 -3.88
CA GLU A 126 17.54 10.62 -5.28
C GLU A 126 16.08 11.06 -5.39
N MET A 127 15.78 12.04 -6.28
CA MET A 127 14.44 12.59 -6.53
C MET A 127 13.37 11.50 -6.63
N LYS A 128 13.70 10.35 -7.27
CA LYS A 128 12.81 9.20 -7.43
C LYS A 128 12.33 8.72 -6.04
N LYS A 129 13.28 8.52 -5.09
CA LYS A 129 13.03 8.06 -3.73
C LYS A 129 12.26 9.11 -2.93
N LEU A 130 12.65 10.40 -3.06
CA LEU A 130 11.98 11.50 -2.39
C LEU A 130 10.48 11.48 -2.77
N ILE A 131 10.16 11.28 -4.07
CA ILE A 131 8.79 11.15 -4.56
C ILE A 131 8.15 9.83 -4.07
N ASP A 132 8.98 8.77 -3.91
CA ASP A 132 8.49 7.47 -3.47
C ASP A 132 8.04 7.46 -2.03
N ILE A 133 8.68 8.27 -1.16
CA ILE A 133 8.31 8.33 0.25
C ILE A 133 6.97 9.04 0.36
N ALA A 134 6.85 10.19 -0.32
CA ALA A 134 5.63 11.00 -0.37
C ALA A 134 4.46 10.13 -0.83
N ARG A 135 4.64 9.41 -1.95
CA ARG A 135 3.68 8.48 -2.56
C ARG A 135 3.19 7.45 -1.54
N GLN A 136 4.14 6.78 -0.84
CA GLN A 136 3.87 5.75 0.17
C GLN A 136 3.24 6.32 1.44
N THR A 137 3.54 7.60 1.78
CA THR A 137 2.92 8.28 2.92
C THR A 137 1.45 8.57 2.54
N ALA A 138 1.21 9.03 1.29
CA ALA A 138 -0.12 9.34 0.75
C ALA A 138 -0.95 8.05 0.65
N ARG A 139 -0.31 6.91 0.33
CA ARG A 139 -0.96 5.60 0.26
C ARG A 139 -1.51 5.21 1.65
N GLY A 140 -0.65 5.33 2.67
CA GLY A 140 -1.02 5.01 4.04
C GLY A 140 -2.10 5.91 4.60
N MET A 141 -2.03 7.21 4.29
CA MET A 141 -2.97 8.25 4.71
C MET A 141 -4.29 8.10 3.95
N ASP A 142 -4.25 7.56 2.73
CA ASP A 142 -5.47 7.31 1.96
C ASP A 142 -6.22 6.16 2.65
N TYR A 143 -5.46 5.17 3.19
CA TYR A 143 -6.01 4.09 3.98
C TYR A 143 -6.59 4.62 5.30
N LEU A 144 -5.84 5.49 6.03
CA LEU A 144 -6.30 6.01 7.31
C LEU A 144 -7.55 6.89 7.20
N HIS A 145 -7.64 7.72 6.13
CA HIS A 145 -8.79 8.59 5.90
C HIS A 145 -10.00 7.81 5.45
N ALA A 146 -9.78 6.68 4.72
CA ALA A 146 -10.83 5.77 4.26
C ALA A 146 -11.43 5.02 5.46
N LYS A 147 -10.67 4.86 6.55
CA LYS A 147 -11.16 4.19 7.74
C LYS A 147 -11.72 5.22 8.73
N SER A 148 -11.95 6.46 8.22
CA SER A 148 -12.44 7.64 8.97
C SER A 148 -11.53 8.03 10.16
N ILE A 149 -10.23 7.61 10.12
CA ILE A 149 -9.24 7.92 11.16
C ILE A 149 -8.55 9.24 10.84
N ILE A 150 -8.61 10.22 11.78
CA ILE A 150 -7.86 11.47 11.66
C ILE A 150 -6.57 11.19 12.44
N HIS A 151 -5.42 11.34 11.73
CA HIS A 151 -4.11 11.07 12.30
C HIS A 151 -3.80 12.00 13.48
N ARG A 152 -4.07 13.33 13.34
CA ARG A 152 -3.88 14.35 14.37
C ARG A 152 -2.40 14.75 14.58
N ASP A 153 -1.43 13.84 14.24
CA ASP A 153 0.00 14.04 14.54
C ASP A 153 0.99 13.60 13.44
N LEU A 154 0.75 13.94 12.16
CA LEU A 154 1.67 13.55 11.10
C LEU A 154 2.88 14.48 11.06
N LYS A 155 4.06 13.87 11.06
CA LYS A 155 5.38 14.52 10.97
C LYS A 155 6.39 13.49 10.54
N SER A 156 7.56 13.94 10.05
CA SER A 156 8.66 13.11 9.58
C SER A 156 9.23 12.17 10.64
N ASN A 157 9.09 12.51 11.94
CA ASN A 157 9.53 11.69 13.07
C ASN A 157 8.55 10.53 13.32
N ASN A 158 7.36 10.56 12.66
CA ASN A 158 6.29 9.56 12.72
C ASN A 158 6.19 8.76 11.41
N ILE A 159 7.13 9.00 10.49
CA ILE A 159 7.23 8.31 9.21
C ILE A 159 8.53 7.51 9.27
N PHE A 160 8.40 6.19 9.42
CA PHE A 160 9.54 5.28 9.58
C PHE A 160 9.90 4.52 8.31
N LEU A 161 11.22 4.35 8.12
CA LEU A 161 11.76 3.67 6.96
C LEU A 161 12.12 2.27 7.35
N HIS A 162 11.21 1.34 7.04
CA HIS A 162 11.42 -0.08 7.25
C HIS A 162 12.14 -0.41 5.99
N GLU A 163 13.07 -1.33 6.01
CA GLU A 163 13.75 -1.66 4.76
C GLU A 163 13.80 -3.17 4.66
N ASP A 164 13.02 -3.87 3.77
CA ASP A 164 12.19 -3.76 2.54
C ASP A 164 11.94 -2.39 1.81
N ASN A 165 12.42 -1.25 2.30
CA ASN A 165 12.22 0.06 1.64
C ASN A 165 10.73 0.42 1.44
N THR A 166 9.92 0.28 2.51
CA THR A 166 8.49 0.66 2.56
C THR A 166 8.30 1.56 3.75
N VAL A 167 7.65 2.71 3.51
CA VAL A 167 7.37 3.73 4.52
C VAL A 167 6.30 3.21 5.48
N LYS A 168 6.49 3.45 6.79
CA LYS A 168 5.56 3.04 7.83
C LYS A 168 5.11 4.23 8.71
N ILE A 169 3.79 4.52 8.68
CA ILE A 169 3.16 5.60 9.46
C ILE A 169 2.93 5.16 10.95
N GLY A 170 3.40 5.98 11.87
CA GLY A 170 3.24 5.78 13.30
C GLY A 170 2.36 6.85 13.90
N ASP A 171 1.98 6.68 15.17
CA ASP A 171 1.17 7.62 15.95
C ASP A 171 -0.23 7.88 15.39
N PHE A 172 -0.80 6.92 14.62
CA PHE A 172 -2.17 7.05 14.08
C PHE A 172 -3.21 6.50 15.08
N GLY A 173 -2.74 5.65 15.99
CA GLY A 173 -3.54 4.98 17.01
C GLY A 173 -3.92 5.87 18.17
N LEU A 174 -4.94 5.44 18.93
CA LEU A 174 -5.51 6.15 20.09
C LEU A 174 -6.22 7.45 19.61
N ALA A 175 -6.80 7.40 18.39
CA ALA A 175 -7.52 8.49 17.72
C ALA A 175 -8.73 9.00 18.51
N THR A 176 -9.53 8.09 19.12
CA THR A 176 -10.69 8.48 19.93
C THR A 176 -10.23 9.18 21.21
N VAL A 177 -9.15 8.68 21.84
CA VAL A 177 -8.54 9.28 23.03
C VAL A 177 -8.01 10.70 22.71
N LYS A 178 -7.45 10.92 21.49
CA LYS A 178 -6.98 12.23 21.04
C LYS A 178 -8.16 13.18 20.84
N SER A 179 -9.33 12.66 20.43
CA SER A 179 -10.54 13.46 20.21
C SER A 179 -11.15 13.86 21.55
N ARG A 180 -11.20 12.89 22.50
CA ARG A 180 -11.77 13.06 23.84
C ARG A 180 -10.95 14.04 24.71
N TRP A 181 -9.70 14.33 24.32
CA TRP A 181 -8.80 15.23 25.04
C TRP A 181 -8.24 16.35 24.12
N SER A 182 -7.36 17.23 24.66
CA SER A 182 -6.68 18.37 24.02
C SER A 182 -6.05 19.29 25.07
N PHE A 187 -3.31 19.21 20.91
CA PHE A 187 -3.27 19.14 22.36
C PHE A 187 -2.24 20.11 22.97
N GLU A 188 -2.13 20.16 24.32
CA GLU A 188 -1.16 20.99 25.05
C GLU A 188 0.26 20.55 24.70
N GLN A 189 0.43 19.25 24.36
CA GLN A 189 1.70 18.67 23.92
C GLN A 189 2.10 19.22 22.52
N LEU A 190 1.56 20.42 22.13
CA LEU A 190 1.81 21.16 20.88
C LEU A 190 3.29 21.37 20.67
N SER A 191 4.02 21.74 21.74
CA SER A 191 5.46 21.90 21.74
C SER A 191 6.06 20.70 22.53
N GLY A 192 7.09 20.03 22.00
CA GLY A 192 7.82 20.41 20.78
C GLY A 192 7.39 19.77 19.48
N SER A 193 6.58 20.52 18.69
CA SER A 193 6.11 20.16 17.35
C SER A 193 5.80 21.47 16.62
N ILE A 194 4.51 21.87 16.47
CA ILE A 194 3.95 23.09 15.86
C ILE A 194 4.32 23.28 14.36
N LEU A 195 5.48 22.76 13.92
CA LEU A 195 5.97 22.88 12.56
C LEU A 195 5.05 22.26 11.53
N TRP A 196 4.34 21.17 11.89
CA TRP A 196 3.39 20.46 11.03
C TRP A 196 1.91 20.82 11.36
N MET A 197 1.70 21.71 12.34
CA MET A 197 0.38 22.13 12.79
C MET A 197 -0.22 23.12 11.84
N ALA A 198 -1.45 22.84 11.38
CA ALA A 198 -2.15 23.76 10.49
C ALA A 198 -2.47 25.07 11.22
N PRO A 199 -2.54 26.22 10.51
CA PRO A 199 -2.90 27.49 11.17
C PRO A 199 -4.17 27.43 12.06
N GLU A 200 -5.24 26.71 11.62
CA GLU A 200 -6.47 26.58 12.42
C GLU A 200 -6.27 25.72 13.70
N VAL A 201 -5.28 24.81 13.69
CA VAL A 201 -4.94 23.93 14.81
C VAL A 201 -4.24 24.77 15.91
N ILE A 202 -3.50 25.82 15.52
CA ILE A 202 -2.84 26.74 16.45
C ILE A 202 -3.93 27.60 17.14
N ARG A 203 -4.64 28.45 16.36
CA ARG A 203 -5.74 29.27 16.87
C ARG A 203 -7.00 28.37 17.07
N MET A 204 -7.03 27.67 18.22
CA MET A 204 -8.09 26.73 18.63
C MET A 204 -9.50 27.31 18.52
N ASN A 208 -13.32 20.64 13.40
CA ASN A 208 -12.67 21.80 14.00
C ASN A 208 -12.16 21.51 15.43
N PRO A 209 -10.85 21.72 15.75
CA PRO A 209 -9.75 22.19 14.87
C PRO A 209 -9.17 21.10 13.95
N TYR A 210 -9.05 19.86 14.48
CA TYR A 210 -8.51 18.71 13.79
C TYR A 210 -9.47 18.11 12.78
N SER A 211 -8.97 17.91 11.55
CA SER A 211 -9.72 17.34 10.42
C SER A 211 -8.80 16.54 9.48
N PHE A 212 -9.39 16.07 8.37
CA PHE A 212 -8.67 15.41 7.30
C PHE A 212 -7.80 16.46 6.60
N GLN A 213 -8.29 17.71 6.53
CA GLN A 213 -7.61 18.83 5.88
C GLN A 213 -6.41 19.29 6.72
N SER A 214 -6.48 19.15 8.07
CA SER A 214 -5.33 19.50 8.93
C SER A 214 -4.21 18.46 8.74
N ASP A 215 -4.58 17.18 8.49
CA ASP A 215 -3.69 16.06 8.17
C ASP A 215 -3.01 16.33 6.82
N VAL A 216 -3.74 16.94 5.86
CA VAL A 216 -3.23 17.31 4.53
C VAL A 216 -2.18 18.42 4.67
N TYR A 217 -2.36 19.33 5.64
CA TYR A 217 -1.40 20.40 5.89
C TYR A 217 -0.08 19.79 6.39
N ALA A 218 -0.16 18.88 7.38
CA ALA A 218 1.02 18.23 7.96
C ALA A 218 1.77 17.49 6.90
N PHE A 219 1.05 16.82 5.98
CA PHE A 219 1.60 16.12 4.81
C PHE A 219 2.33 17.12 3.88
N GLY A 220 1.78 18.33 3.74
CA GLY A 220 2.36 19.40 2.95
C GLY A 220 3.70 19.84 3.50
N ILE A 221 3.82 19.88 4.85
CA ILE A 221 5.06 20.22 5.56
C ILE A 221 6.07 19.08 5.31
N VAL A 222 5.60 17.82 5.32
CA VAL A 222 6.42 16.64 5.04
C VAL A 222 7.01 16.77 3.61
N LEU A 223 6.16 17.16 2.62
CA LEU A 223 6.57 17.39 1.24
C LEU A 223 7.61 18.50 1.17
N TYR A 224 7.44 19.55 1.98
CA TYR A 224 8.39 20.66 2.07
C TYR A 224 9.73 20.11 2.53
N GLU A 225 9.76 19.40 3.67
CA GLU A 225 10.95 18.78 4.25
C GLU A 225 11.65 17.89 3.21
N LEU A 226 10.87 17.11 2.46
CA LEU A 226 11.40 16.22 1.45
C LEU A 226 12.09 16.98 0.31
N MET A 227 11.37 17.90 -0.37
CA MET A 227 11.90 18.66 -1.51
C MET A 227 12.91 19.76 -1.15
N THR A 228 13.05 20.16 0.13
CA THR A 228 13.96 21.23 0.58
C THR A 228 15.11 20.77 1.50
N GLY A 229 14.94 19.61 2.14
CA GLY A 229 15.92 19.05 3.07
C GLY A 229 16.13 19.88 4.32
N GLN A 230 15.27 20.89 4.52
CA GLN A 230 15.25 21.87 5.59
C GLN A 230 13.87 21.86 6.24
N LEU A 231 13.77 22.30 7.50
CA LEU A 231 12.51 22.41 8.23
C LEU A 231 11.91 23.81 7.95
N PRO A 232 10.57 23.99 7.94
CA PRO A 232 10.04 25.37 7.79
C PRO A 232 10.42 26.20 9.02
N TYR A 233 10.67 27.52 8.81
CA TYR A 233 11.02 28.51 9.84
C TYR A 233 12.24 28.09 10.70
N SER A 234 13.30 27.55 10.04
CA SER A 234 14.54 27.11 10.70
C SER A 234 15.42 28.30 11.16
N ASN A 235 15.10 29.52 10.66
CA ASN A 235 15.75 30.77 11.00
C ASN A 235 15.29 31.23 12.40
N ILE A 236 14.00 30.99 12.73
CA ILE A 236 13.41 31.33 14.03
C ILE A 236 13.86 30.36 15.11
N ASN A 237 14.29 30.91 16.26
CA ASN A 237 14.68 30.17 17.45
C ASN A 237 13.79 30.66 18.63
N ASN A 238 12.45 30.57 18.44
CA ASN A 238 11.40 30.99 19.36
C ASN A 238 10.09 30.27 19.00
N ARG A 239 9.25 29.92 19.99
CA ARG A 239 7.99 29.20 19.77
C ARG A 239 6.76 30.09 19.63
N ASP A 240 6.53 31.00 20.59
CA ASP A 240 5.37 31.91 20.63
C ASP A 240 5.28 32.85 19.41
N GLN A 241 6.44 33.16 18.78
CA GLN A 241 6.57 33.98 17.58
C GLN A 241 5.93 33.22 16.41
N ILE A 242 6.29 31.93 16.25
CA ILE A 242 5.75 31.02 15.24
C ILE A 242 4.23 30.84 15.48
N ILE A 243 3.80 30.70 16.74
CA ILE A 243 2.38 30.53 17.11
C ILE A 243 1.53 31.75 16.67
N GLU A 244 2.01 32.97 16.94
CA GLU A 244 1.32 34.21 16.58
C GLU A 244 1.22 34.38 15.06
N MET A 245 2.35 34.28 14.37
CA MET A 245 2.51 34.50 12.94
C MET A 245 1.89 33.41 12.06
N VAL A 246 2.16 32.10 12.33
CA VAL A 246 1.58 30.99 11.56
C VAL A 246 0.07 30.95 11.77
N GLY A 247 -0.36 31.20 13.01
CA GLY A 247 -1.76 31.25 13.43
C GLY A 247 -2.53 32.37 12.76
N ARG A 248 -1.92 33.58 12.66
CA ARG A 248 -2.56 34.71 11.99
C ARG A 248 -2.47 34.59 10.44
N GLY A 249 -1.60 33.70 9.98
CA GLY A 249 -1.40 33.41 8.55
C GLY A 249 -0.50 34.40 7.86
N SER A 250 0.39 35.07 8.63
CA SER A 250 1.36 36.03 8.10
C SER A 250 2.64 35.31 7.71
N LEU A 251 2.87 34.16 8.32
CA LEU A 251 4.02 33.30 8.04
C LEU A 251 3.55 32.02 7.40
N SER A 252 4.43 31.42 6.60
CA SER A 252 4.21 30.15 5.88
C SER A 252 5.58 29.61 5.42
N PRO A 253 5.73 28.32 5.04
CA PRO A 253 7.06 27.87 4.58
C PRO A 253 7.57 28.61 3.34
N ASP A 254 8.88 28.93 3.33
CA ASP A 254 9.53 29.62 2.21
C ASP A 254 9.67 28.68 1.01
N LEU A 255 8.69 28.73 0.08
CA LEU A 255 8.65 27.85 -1.10
C LEU A 255 9.80 28.10 -2.06
N SER A 256 10.41 29.30 -2.03
CA SER A 256 11.56 29.66 -2.87
C SER A 256 12.75 28.74 -2.62
N LYS A 257 12.79 28.08 -1.44
CA LYS A 257 13.84 27.13 -1.04
C LYS A 257 13.67 25.72 -1.64
N VAL A 258 12.65 25.49 -2.48
CA VAL A 258 12.44 24.19 -3.12
C VAL A 258 13.58 23.88 -4.09
N ARG A 259 14.00 22.61 -4.14
CA ARG A 259 15.07 22.16 -5.04
C ARG A 259 14.72 22.47 -6.51
N SER A 260 15.74 22.77 -7.33
CA SER A 260 15.54 23.04 -8.76
C SER A 260 15.03 21.79 -9.50
N ASN A 261 15.51 20.59 -9.09
CA ASN A 261 15.12 19.32 -9.70
C ASN A 261 13.75 18.83 -9.22
N CYS A 262 13.08 19.59 -8.32
CA CYS A 262 11.73 19.25 -7.85
C CYS A 262 10.76 19.55 -9.00
N PRO A 263 10.10 18.53 -9.56
CA PRO A 263 9.16 18.78 -10.66
C PRO A 263 8.07 19.80 -10.31
N LYS A 264 7.67 20.64 -11.29
CA LYS A 264 6.67 21.70 -11.17
C LYS A 264 5.43 21.26 -10.40
N ARG A 265 4.80 20.17 -10.87
CA ARG A 265 3.59 19.52 -10.33
C ARG A 265 3.65 19.22 -8.85
N MET A 266 4.86 18.97 -8.31
CA MET A 266 5.14 18.65 -6.90
C MET A 266 5.19 19.91 -6.04
N LYS A 267 5.81 20.98 -6.57
CA LYS A 267 5.91 22.29 -5.91
C LYS A 267 4.48 22.85 -5.81
N ARG A 268 3.66 22.65 -6.89
CA ARG A 268 2.26 23.08 -6.95
C ARG A 268 1.40 22.30 -5.99
N LEU A 269 1.54 20.95 -5.95
CA LEU A 269 0.75 20.09 -5.04
C LEU A 269 1.05 20.49 -3.59
N MET A 270 2.35 20.67 -3.26
CA MET A 270 2.83 21.10 -1.96
C MET A 270 2.10 22.39 -1.52
N ALA A 271 1.97 23.38 -2.44
CA ALA A 271 1.30 24.66 -2.17
C ALA A 271 -0.18 24.46 -1.86
N GLU A 272 -0.83 23.53 -2.57
CA GLU A 272 -2.26 23.22 -2.39
C GLU A 272 -2.50 22.61 -1.01
N CYS A 273 -1.58 21.73 -0.56
CA CYS A 273 -1.66 21.08 0.74
C CYS A 273 -1.48 22.10 1.85
N LEU A 274 -0.53 23.03 1.68
CA LEU A 274 -0.19 24.07 2.65
C LEU A 274 -1.15 25.27 2.70
N LYS A 275 -2.17 25.33 1.81
CA LYS A 275 -3.10 26.45 1.77
C LYS A 275 -3.72 26.75 3.13
N LYS A 276 -3.64 28.02 3.55
CA LYS A 276 -4.16 28.55 4.82
C LYS A 276 -5.66 28.27 5.01
N LYS A 277 -6.49 28.53 3.97
CA LYS A 277 -7.94 28.24 3.97
C LYS A 277 -8.09 26.71 3.87
N ARG A 278 -8.44 26.06 5.00
CA ARG A 278 -8.50 24.60 5.16
C ARG A 278 -9.32 23.83 4.09
N ASP A 279 -10.42 24.39 3.64
CA ASP A 279 -11.27 23.65 2.72
C ASP A 279 -10.83 23.74 1.23
N GLU A 280 -9.69 24.43 0.96
CA GLU A 280 -9.09 24.56 -0.37
C GLU A 280 -8.08 23.42 -0.63
N ARG A 281 -7.64 22.74 0.43
CA ARG A 281 -6.63 21.66 0.42
C ARG A 281 -7.14 20.40 -0.28
N PRO A 282 -6.26 19.61 -0.96
CA PRO A 282 -6.76 18.41 -1.65
C PRO A 282 -7.03 17.26 -0.70
N SER A 283 -7.79 16.27 -1.15
CA SER A 283 -8.06 15.05 -0.38
C SER A 283 -6.91 14.07 -0.71
N PHE A 284 -6.67 13.04 0.14
CA PHE A 284 -5.59 12.07 -0.13
C PHE A 284 -5.83 11.33 -1.48
N PRO A 285 -7.08 10.93 -1.88
CA PRO A 285 -7.27 10.35 -3.23
C PRO A 285 -6.66 11.20 -4.35
N ARG A 286 -6.91 12.54 -4.34
CA ARG A 286 -6.38 13.49 -5.35
C ARG A 286 -4.88 13.73 -5.16
N ILE A 287 -4.41 13.71 -3.90
CA ILE A 287 -3.00 13.88 -3.54
C ILE A 287 -2.19 12.74 -4.17
N LEU A 288 -2.60 11.47 -3.89
CA LEU A 288 -1.98 10.24 -4.38
C LEU A 288 -1.97 10.17 -5.91
N ALA A 289 -3.08 10.54 -6.56
CA ALA A 289 -3.22 10.55 -8.02
C ALA A 289 -2.25 11.58 -8.68
N GLU A 290 -1.99 12.72 -8.00
CA GLU A 290 -1.04 13.71 -8.49
C GLU A 290 0.38 13.16 -8.42
N ILE A 291 0.77 12.55 -7.26
CA ILE A 291 2.10 11.94 -7.03
C ILE A 291 2.34 10.79 -8.02
N GLU A 292 1.33 9.91 -8.22
CA GLU A 292 1.39 8.81 -9.18
C GLU A 292 1.68 9.38 -10.59
N GLU A 293 0.93 10.41 -11.02
CA GLU A 293 1.09 11.08 -12.32
C GLU A 293 2.42 11.82 -12.48
N LEU A 294 2.91 12.52 -11.41
CA LEU A 294 4.18 13.24 -11.52
C LEU A 294 5.39 12.30 -11.38
N ALA A 295 5.18 11.06 -10.90
CA ALA A 295 6.24 10.05 -10.77
C ALA A 295 6.71 9.57 -12.17
N ARG A 296 6.01 10.00 -13.24
CA ARG A 296 6.32 9.66 -14.63
C ARG A 296 6.64 10.97 -15.45
N GLU A 297 7.92 11.42 -15.62
CA GLU A 297 9.24 10.98 -15.11
C GLU A 297 9.60 9.46 -15.27
N LEU A 298 9.10 8.82 -16.36
CA LEU A 298 9.32 7.40 -16.72
C LEU A 298 9.14 6.43 -15.56
N TRP B 27 20.40 -18.27 -4.72
CA TRP B 27 20.92 -17.67 -5.95
C TRP B 27 20.53 -18.48 -7.20
N GLU B 28 21.52 -18.75 -8.10
CA GLU B 28 21.32 -19.52 -9.32
C GLU B 28 21.22 -20.99 -8.96
N ILE B 29 20.17 -21.64 -9.45
CA ILE B 29 19.94 -23.05 -9.17
C ILE B 29 20.90 -23.92 -9.99
N PRO B 30 21.71 -24.79 -9.32
CA PRO B 30 22.65 -25.65 -10.06
C PRO B 30 21.97 -26.48 -11.13
N ASP B 31 22.61 -26.54 -12.32
CA ASP B 31 22.13 -27.27 -13.49
C ASP B 31 21.85 -28.72 -13.13
N GLY B 32 20.60 -29.14 -13.32
CA GLY B 32 20.16 -30.49 -13.00
C GLY B 32 19.27 -30.63 -11.77
N GLN B 33 19.23 -29.60 -10.90
CA GLN B 33 18.41 -29.62 -9.69
C GLN B 33 16.91 -29.43 -9.97
N ILE B 34 16.55 -28.84 -11.13
CA ILE B 34 15.15 -28.64 -11.49
C ILE B 34 14.80 -29.48 -12.69
N THR B 35 13.70 -30.24 -12.55
CA THR B 35 13.07 -31.02 -13.59
C THR B 35 11.63 -30.49 -13.75
N VAL B 36 11.02 -30.72 -14.92
CA VAL B 36 9.70 -30.22 -15.31
C VAL B 36 8.73 -31.36 -15.66
N GLY B 37 7.42 -31.13 -15.50
CA GLY B 37 6.41 -32.13 -15.82
C GLY B 37 5.29 -31.61 -16.70
N GLN B 38 4.03 -31.69 -16.22
CA GLN B 38 2.81 -31.22 -16.92
C GLN B 38 2.93 -29.75 -17.31
N ARG B 39 2.63 -29.43 -18.60
CA ARG B 39 2.65 -28.07 -19.11
C ARG B 39 1.34 -27.44 -18.69
N ILE B 40 1.45 -26.39 -17.85
CA ILE B 40 0.29 -25.67 -17.35
C ILE B 40 -0.24 -24.73 -18.43
N GLY B 41 0.67 -24.00 -19.08
CA GLY B 41 0.32 -23.09 -20.16
C GLY B 41 1.33 -21.98 -20.37
N SER B 42 1.12 -21.20 -21.45
CA SER B 42 1.99 -20.07 -21.83
C SER B 42 1.68 -18.78 -21.05
N GLY B 43 2.63 -18.38 -20.20
CA GLY B 43 2.59 -17.15 -19.43
C GLY B 43 3.46 -16.09 -20.08
N SER B 44 3.97 -15.13 -19.31
CA SER B 44 4.84 -14.07 -19.84
C SER B 44 6.22 -14.09 -19.16
N PHE B 45 7.35 -14.19 -19.91
CA PHE B 45 7.50 -14.28 -21.37
C PHE B 45 7.77 -15.75 -21.81
N GLY B 46 7.18 -16.73 -21.12
CA GLY B 46 7.44 -18.12 -21.44
C GLY B 46 6.33 -19.13 -21.22
N THR B 47 6.73 -20.40 -20.94
CA THR B 47 5.87 -21.56 -20.71
C THR B 47 5.99 -22.03 -19.26
N VAL B 48 4.84 -22.17 -18.59
CA VAL B 48 4.72 -22.57 -17.19
C VAL B 48 4.45 -24.08 -17.09
N TYR B 49 5.23 -24.80 -16.25
CA TYR B 49 5.08 -26.24 -16.00
C TYR B 49 5.06 -26.49 -14.51
N LYS B 50 4.45 -27.63 -14.09
CA LYS B 50 4.51 -28.10 -12.71
C LYS B 50 5.77 -28.97 -12.71
N GLY B 51 6.77 -28.55 -11.94
CA GLY B 51 8.05 -29.26 -11.88
C GLY B 51 8.43 -29.75 -10.50
N LYS B 52 9.65 -30.27 -10.39
CA LYS B 52 10.19 -30.80 -9.13
C LYS B 52 11.50 -30.16 -8.78
N TRP B 53 11.77 -30.12 -7.49
CA TRP B 53 12.97 -29.63 -6.85
C TRP B 53 13.05 -30.37 -5.51
N HIS B 54 12.17 -30.02 -4.52
CA HIS B 54 12.11 -30.54 -3.13
C HIS B 54 11.36 -31.90 -2.93
N GLY B 55 10.01 -31.95 -2.97
CA GLY B 55 9.07 -30.85 -3.15
C GLY B 55 8.74 -30.43 -4.57
N ASP B 56 7.47 -30.11 -4.79
CA ASP B 56 6.96 -29.64 -6.06
C ASP B 56 7.18 -28.12 -6.14
N VAL B 57 7.46 -27.64 -7.35
CA VAL B 57 7.69 -26.22 -7.64
C VAL B 57 7.03 -25.91 -8.98
N ALA B 58 6.77 -24.63 -9.24
CA ALA B 58 6.26 -24.22 -10.53
C ALA B 58 7.41 -23.57 -11.26
N VAL B 59 7.54 -23.90 -12.56
CA VAL B 59 8.63 -23.39 -13.37
C VAL B 59 8.12 -22.64 -14.57
N LYS B 60 8.64 -21.42 -14.79
CA LYS B 60 8.36 -20.60 -15.97
C LYS B 60 9.63 -20.61 -16.81
N MET B 61 9.58 -21.33 -17.94
CA MET B 61 10.69 -21.45 -18.88
C MET B 61 10.54 -20.34 -19.91
N LEU B 62 11.49 -19.38 -19.89
CA LEU B 62 11.49 -18.23 -20.79
C LEU B 62 11.75 -18.64 -22.25
N ASN B 63 10.94 -18.08 -23.17
CA ASN B 63 10.98 -18.37 -24.60
C ASN B 63 12.15 -17.69 -25.36
N VAL B 64 13.36 -17.65 -24.74
CA VAL B 64 14.57 -17.09 -25.35
C VAL B 64 15.61 -18.21 -25.48
N THR B 65 15.78 -18.73 -26.71
CA THR B 65 16.70 -19.84 -27.06
C THR B 65 18.17 -19.54 -26.75
N ALA B 66 18.65 -18.37 -27.22
CA ALA B 66 20.04 -17.97 -27.02
C ALA B 66 20.14 -16.60 -26.33
N PRO B 67 20.39 -16.57 -25.01
CA PRO B 67 20.49 -15.26 -24.33
C PRO B 67 21.85 -14.61 -24.53
N THR B 68 21.84 -13.31 -24.92
CA THR B 68 23.05 -12.51 -25.12
C THR B 68 23.65 -12.17 -23.74
N PRO B 69 24.96 -11.86 -23.60
CA PRO B 69 25.49 -11.51 -22.27
C PRO B 69 24.86 -10.26 -21.67
N GLN B 70 24.25 -9.40 -22.52
CA GLN B 70 23.54 -8.18 -22.10
C GLN B 70 22.18 -8.59 -21.54
N GLN B 71 21.47 -9.49 -22.24
CA GLN B 71 20.16 -10.03 -21.83
C GLN B 71 20.28 -10.73 -20.47
N LEU B 72 21.41 -11.43 -20.25
CA LEU B 72 21.70 -12.16 -19.02
C LEU B 72 21.74 -11.21 -17.81
N GLN B 73 22.35 -10.01 -17.98
CA GLN B 73 22.43 -9.00 -16.91
C GLN B 73 21.05 -8.43 -16.62
N ALA B 74 20.22 -8.22 -17.67
CA ALA B 74 18.85 -7.72 -17.56
C ALA B 74 17.98 -8.69 -16.75
N PHE B 75 18.09 -10.01 -17.05
CA PHE B 75 17.36 -11.06 -16.34
C PHE B 75 17.84 -11.14 -14.89
N LYS B 76 19.17 -11.04 -14.66
CA LYS B 76 19.77 -11.03 -13.33
C LYS B 76 19.26 -9.84 -12.52
N ASN B 77 19.02 -8.69 -13.18
CA ASN B 77 18.52 -7.46 -12.56
C ASN B 77 17.07 -7.65 -12.12
N GLU B 78 16.23 -8.21 -13.02
CA GLU B 78 14.82 -8.52 -12.75
C GLU B 78 14.70 -9.53 -11.59
N VAL B 79 15.71 -10.39 -11.43
CA VAL B 79 15.80 -11.40 -10.38
C VAL B 79 15.99 -10.73 -9.01
N GLY B 80 16.81 -9.67 -8.97
CA GLY B 80 17.08 -8.88 -7.78
C GLY B 80 15.84 -8.23 -7.22
N VAL B 81 14.87 -7.96 -8.11
CA VAL B 81 13.56 -7.39 -7.82
C VAL B 81 12.70 -8.48 -7.15
N LEU B 82 12.51 -9.63 -7.82
CA LEU B 82 11.70 -10.77 -7.38
C LEU B 82 12.08 -11.33 -6.01
N ARG B 83 13.37 -11.29 -5.61
CA ARG B 83 13.81 -11.79 -4.31
C ARG B 83 13.64 -10.76 -3.21
N LYS B 84 13.63 -9.48 -3.57
CA LYS B 84 13.46 -8.40 -2.59
C LYS B 84 11.98 -8.07 -2.35
N THR B 85 11.06 -8.68 -3.14
CA THR B 85 9.63 -8.37 -3.05
C THR B 85 8.81 -9.61 -2.61
N ARG B 86 8.74 -9.82 -1.27
CA ARG B 86 8.05 -10.95 -0.64
C ARG B 86 6.79 -10.52 0.13
N HIS B 87 5.68 -11.27 -0.02
CA HIS B 87 4.39 -11.05 0.62
C HIS B 87 3.52 -12.33 0.61
N VAL B 88 2.72 -12.53 1.66
CA VAL B 88 1.82 -13.67 1.86
C VAL B 88 0.84 -13.89 0.69
N ASN B 89 0.45 -12.81 -0.01
CA ASN B 89 -0.51 -12.82 -1.12
C ASN B 89 0.16 -12.65 -2.50
N ILE B 90 1.48 -12.89 -2.55
CA ILE B 90 2.36 -12.83 -3.72
C ILE B 90 3.10 -14.18 -3.82
N LEU B 91 3.20 -14.72 -5.05
CA LEU B 91 3.91 -15.97 -5.38
C LEU B 91 5.36 -15.88 -4.84
N LEU B 92 5.79 -16.90 -4.06
CA LEU B 92 7.14 -16.90 -3.44
C LEU B 92 8.21 -17.19 -4.47
N PHE B 93 9.20 -16.30 -4.58
CA PHE B 93 10.33 -16.49 -5.49
C PHE B 93 11.20 -17.55 -4.88
N MET B 94 11.65 -18.53 -5.68
CA MET B 94 12.46 -19.59 -5.13
C MET B 94 13.86 -19.65 -5.71
N GLY B 95 14.01 -19.16 -6.93
CA GLY B 95 15.31 -19.13 -7.60
C GLY B 95 15.19 -19.03 -9.09
N TYR B 96 16.36 -18.97 -9.74
CA TYR B 96 16.44 -18.87 -11.19
C TYR B 96 17.46 -19.85 -11.78
N SER B 97 17.23 -20.22 -13.03
CA SER B 97 18.10 -21.10 -13.82
C SER B 97 18.62 -20.32 -15.02
N THR B 98 19.88 -20.56 -15.40
CA THR B 98 20.49 -19.90 -16.55
C THR B 98 21.07 -20.94 -17.51
N LYS B 99 21.85 -21.93 -16.96
CA LYS B 99 22.56 -23.00 -17.65
C LYS B 99 21.67 -23.79 -18.62
N PRO B 100 20.61 -24.57 -18.20
CA PRO B 100 19.81 -25.26 -19.24
C PRO B 100 19.04 -24.28 -20.14
N GLN B 101 18.26 -23.37 -19.51
CA GLN B 101 17.44 -22.34 -20.14
C GLN B 101 17.18 -21.28 -19.09
N LEU B 102 16.79 -20.05 -19.50
CA LEU B 102 16.42 -18.99 -18.55
C LEU B 102 15.08 -19.41 -17.94
N ALA B 103 15.04 -19.63 -16.61
CA ALA B 103 13.82 -20.05 -15.92
C ALA B 103 13.58 -19.37 -14.58
N ILE B 104 12.29 -19.13 -14.27
CA ILE B 104 11.85 -18.58 -12.98
C ILE B 104 11.15 -19.71 -12.22
N VAL B 105 11.62 -20.00 -10.99
CA VAL B 105 11.11 -21.04 -10.09
C VAL B 105 10.42 -20.37 -8.89
N THR B 106 9.14 -20.71 -8.67
CA THR B 106 8.31 -20.19 -7.58
C THR B 106 7.70 -21.38 -6.80
N GLN B 107 6.75 -21.11 -5.87
CA GLN B 107 6.04 -22.14 -5.12
C GLN B 107 4.91 -22.72 -5.96
N TRP B 108 4.48 -23.95 -5.66
CA TRP B 108 3.36 -24.59 -6.38
C TRP B 108 2.05 -24.45 -5.57
N CYS B 109 1.02 -23.84 -6.20
CA CYS B 109 -0.28 -23.66 -5.57
C CYS B 109 -1.21 -24.75 -6.08
N GLU B 110 -1.39 -25.82 -5.28
CA GLU B 110 -2.17 -27.01 -5.61
C GLU B 110 -3.62 -26.76 -6.04
N GLY B 111 -4.24 -25.73 -5.48
CA GLY B 111 -5.60 -25.33 -5.81
C GLY B 111 -5.76 -24.66 -7.16
N SER B 112 -4.69 -24.60 -8.00
CA SER B 112 -4.69 -24.00 -9.35
C SER B 112 -5.06 -22.49 -9.37
N SER B 113 -5.44 -21.95 -10.53
CA SER B 113 -5.85 -20.56 -10.71
C SER B 113 -7.34 -20.32 -10.45
N LEU B 114 -7.71 -19.07 -10.14
CA LEU B 114 -9.08 -18.64 -9.91
C LEU B 114 -9.89 -18.74 -11.21
N TYR B 115 -9.24 -18.50 -12.39
CA TYR B 115 -9.90 -18.64 -13.70
C TYR B 115 -10.48 -20.03 -13.84
N HIS B 116 -9.70 -21.04 -13.42
CA HIS B 116 -10.05 -22.44 -13.47
C HIS B 116 -11.32 -22.75 -12.69
N HIS B 117 -11.38 -22.36 -11.40
CA HIS B 117 -12.53 -22.59 -10.52
C HIS B 117 -13.80 -21.83 -10.88
N LEU B 118 -13.67 -20.68 -11.55
CA LEU B 118 -14.78 -19.81 -11.92
C LEU B 118 -15.34 -20.04 -13.30
N HIS B 119 -14.48 -20.37 -14.29
CA HIS B 119 -14.90 -20.48 -15.68
C HIS B 119 -14.60 -21.84 -16.38
N ALA B 120 -13.88 -22.76 -15.71
CA ALA B 120 -13.55 -24.08 -16.30
C ALA B 120 -13.56 -25.19 -15.25
N SER B 121 -14.50 -25.06 -14.28
CA SER B 121 -14.72 -26.00 -13.17
C SER B 121 -16.13 -25.82 -12.60
N GLU B 122 -16.63 -26.81 -11.84
CA GLU B 122 -17.94 -26.75 -11.22
C GLU B 122 -17.85 -26.40 -9.73
N THR B 123 -16.80 -25.62 -9.36
CA THR B 123 -16.54 -25.15 -7.99
C THR B 123 -17.64 -24.17 -7.58
N LYS B 124 -18.30 -24.47 -6.44
CA LYS B 124 -19.39 -23.66 -5.91
C LYS B 124 -18.91 -22.87 -4.69
N PHE B 125 -18.54 -21.60 -4.91
CA PHE B 125 -18.07 -20.73 -3.85
C PHE B 125 -19.20 -19.98 -3.16
N GLU B 126 -19.05 -19.77 -1.84
CA GLU B 126 -19.98 -19.02 -0.99
C GLU B 126 -19.54 -17.55 -1.02
N MET B 127 -20.45 -16.62 -0.68
CA MET B 127 -20.17 -15.18 -0.70
C MET B 127 -18.99 -14.77 0.22
N LYS B 128 -18.83 -15.46 1.38
CA LYS B 128 -17.73 -15.23 2.32
C LYS B 128 -16.37 -15.57 1.68
N LYS B 129 -16.30 -16.72 0.95
CA LYS B 129 -15.10 -17.22 0.27
C LYS B 129 -14.70 -16.27 -0.83
N LEU B 130 -15.69 -15.84 -1.63
CA LEU B 130 -15.57 -14.90 -2.75
C LEU B 130 -14.98 -13.57 -2.29
N ILE B 131 -15.54 -12.97 -1.19
CA ILE B 131 -15.10 -11.68 -0.63
C ILE B 131 -13.70 -11.78 -0.03
N ASP B 132 -13.35 -12.96 0.50
CA ASP B 132 -12.02 -13.25 1.03
C ASP B 132 -10.96 -13.32 -0.09
N ILE B 133 -11.33 -13.84 -1.30
CA ILE B 133 -10.43 -13.89 -2.46
C ILE B 133 -10.18 -12.45 -2.91
N ALA B 134 -11.24 -11.65 -2.96
CA ALA B 134 -11.14 -10.24 -3.29
C ALA B 134 -10.22 -9.49 -2.31
N ARG B 135 -10.40 -9.70 -0.98
CA ARG B 135 -9.62 -9.07 0.10
C ARG B 135 -8.10 -9.28 -0.02
N GLN B 136 -7.71 -10.54 -0.14
CA GLN B 136 -6.32 -11.00 -0.28
C GLN B 136 -5.68 -10.52 -1.60
N THR B 137 -6.43 -10.56 -2.75
CA THR B 137 -5.95 -10.05 -4.06
C THR B 137 -5.65 -8.55 -3.91
N ALA B 138 -6.56 -7.78 -3.27
CA ALA B 138 -6.38 -6.37 -3.02
C ALA B 138 -5.15 -6.17 -2.12
N ARG B 139 -4.95 -7.05 -1.12
CA ARG B 139 -3.80 -6.98 -0.21
C ARG B 139 -2.47 -7.21 -0.94
N GLY B 140 -2.44 -8.18 -1.86
CA GLY B 140 -1.27 -8.51 -2.67
C GLY B 140 -0.90 -7.42 -3.65
N MET B 141 -1.92 -6.87 -4.35
CA MET B 141 -1.81 -5.76 -5.29
C MET B 141 -1.36 -4.51 -4.55
N ASP B 142 -1.91 -4.27 -3.34
CA ASP B 142 -1.58 -3.16 -2.44
C ASP B 142 -0.08 -3.23 -2.08
N TYR B 143 0.44 -4.43 -1.83
CA TYR B 143 1.87 -4.63 -1.54
C TYR B 143 2.71 -4.34 -2.79
N LEU B 144 2.26 -4.82 -3.98
CA LEU B 144 2.97 -4.62 -5.23
C LEU B 144 3.07 -3.14 -5.51
N HIS B 145 1.94 -2.43 -5.37
CA HIS B 145 1.87 -0.98 -5.55
C HIS B 145 2.78 -0.26 -4.57
N ALA B 146 2.76 -0.64 -3.26
CA ALA B 146 3.68 -0.09 -2.24
C ALA B 146 5.15 -0.21 -2.67
N LYS B 147 5.48 -1.27 -3.42
CA LYS B 147 6.81 -1.58 -3.90
C LYS B 147 7.11 -1.03 -5.33
N SER B 148 6.28 -0.06 -5.82
CA SER B 148 6.38 0.63 -7.14
C SER B 148 6.31 -0.30 -8.34
N ILE B 149 5.67 -1.46 -8.18
CA ILE B 149 5.50 -2.42 -9.23
C ILE B 149 4.09 -2.33 -9.75
N ILE B 150 3.95 -1.96 -11.03
CA ILE B 150 2.68 -1.98 -11.75
C ILE B 150 2.71 -3.37 -12.40
N HIS B 151 1.69 -4.19 -12.08
CA HIS B 151 1.54 -5.56 -12.53
C HIS B 151 1.52 -5.66 -14.06
N ARG B 152 0.54 -5.01 -14.72
CA ARG B 152 0.30 -4.92 -16.17
C ARG B 152 -0.56 -6.06 -16.72
N ASP B 153 -0.68 -7.20 -16.00
CA ASP B 153 -1.44 -8.34 -16.53
C ASP B 153 -2.31 -9.08 -15.47
N LEU B 154 -2.93 -8.35 -14.53
CA LEU B 154 -3.79 -8.98 -13.53
C LEU B 154 -5.13 -9.45 -14.12
N LYS B 155 -5.40 -10.74 -13.92
CA LYS B 155 -6.58 -11.48 -14.34
C LYS B 155 -6.68 -12.72 -13.44
N SER B 156 -7.84 -13.40 -13.44
CA SER B 156 -8.11 -14.62 -12.67
C SER B 156 -7.16 -15.77 -13.01
N ASN B 157 -6.54 -15.73 -14.19
CA ASN B 157 -5.55 -16.72 -14.62
C ASN B 157 -4.25 -16.58 -13.83
N ASN B 158 -3.93 -15.34 -13.40
CA ASN B 158 -2.72 -14.98 -12.63
C ASN B 158 -2.97 -14.90 -11.13
N ILE B 159 -4.11 -15.46 -10.68
CA ILE B 159 -4.50 -15.52 -9.27
C ILE B 159 -4.56 -17.02 -8.92
N PHE B 160 -3.63 -17.48 -8.06
CA PHE B 160 -3.50 -18.88 -7.65
C PHE B 160 -3.90 -19.11 -6.20
N LEU B 161 -4.70 -20.13 -5.99
CA LEU B 161 -5.15 -20.51 -4.67
C LEU B 161 -4.22 -21.55 -4.11
N HIS B 162 -3.48 -21.21 -3.03
CA HIS B 162 -2.58 -22.17 -2.38
C HIS B 162 -3.47 -23.07 -1.50
N GLU B 163 -3.03 -24.30 -1.22
CA GLU B 163 -3.81 -25.22 -0.38
C GLU B 163 -3.48 -24.99 1.13
N ASP B 164 -3.52 -23.71 1.61
CA ASP B 164 -3.19 -23.40 3.01
C ASP B 164 -4.05 -22.31 3.73
N ASN B 165 -5.06 -21.61 3.13
CA ASN B 165 -5.57 -21.53 1.76
C ASN B 165 -5.59 -20.04 1.31
N THR B 166 -4.38 -19.50 1.22
CA THR B 166 -4.04 -18.14 0.85
C THR B 166 -4.11 -17.97 -0.67
N VAL B 167 -4.37 -16.73 -1.13
CA VAL B 167 -4.39 -16.31 -2.53
C VAL B 167 -2.98 -15.82 -2.86
N LYS B 168 -2.47 -16.16 -4.06
CA LYS B 168 -1.13 -15.82 -4.52
C LYS B 168 -1.19 -15.25 -5.94
N ILE B 169 -0.68 -14.02 -6.11
CA ILE B 169 -0.65 -13.33 -7.40
C ILE B 169 0.67 -13.66 -8.09
N GLY B 170 0.62 -13.79 -9.43
CA GLY B 170 1.78 -14.01 -10.28
C GLY B 170 1.72 -13.24 -11.59
N ASP B 171 2.86 -13.23 -12.33
CA ASP B 171 3.11 -12.62 -13.64
C ASP B 171 3.45 -11.11 -13.59
N PHE B 172 4.38 -10.75 -12.69
CA PHE B 172 4.97 -9.40 -12.59
C PHE B 172 6.49 -9.58 -12.95
N GLY B 173 6.74 -9.59 -14.26
CA GLY B 173 8.02 -9.79 -14.93
C GLY B 173 9.24 -9.06 -14.39
N LEU B 174 9.41 -7.74 -14.66
CA LEU B 174 8.48 -6.81 -15.31
C LEU B 174 9.14 -5.80 -16.28
N ALA B 175 10.16 -6.24 -17.06
CA ALA B 175 10.87 -5.37 -18.03
C ALA B 175 10.18 -5.41 -19.39
N THR B 176 9.89 -4.21 -19.94
CA THR B 176 9.20 -3.99 -21.23
C THR B 176 10.15 -3.22 -22.18
N GLY B 192 -3.41 -9.14 -25.77
CA GLY B 192 -3.42 -10.56 -25.40
C GLY B 192 -4.73 -11.03 -24.79
N SER B 193 -5.09 -10.46 -23.61
CA SER B 193 -6.32 -10.76 -22.87
C SER B 193 -7.06 -9.47 -22.47
N ILE B 194 -7.78 -8.94 -23.46
CA ILE B 194 -8.57 -7.71 -23.53
C ILE B 194 -9.61 -7.51 -22.42
N LEU B 195 -10.26 -8.59 -21.92
CA LEU B 195 -11.33 -8.47 -20.92
C LEU B 195 -10.95 -7.70 -19.65
N TRP B 196 -9.67 -7.74 -19.28
CA TRP B 196 -9.14 -7.06 -18.12
C TRP B 196 -8.52 -5.71 -18.47
N MET B 197 -8.42 -5.38 -19.79
CA MET B 197 -7.81 -4.15 -20.27
C MET B 197 -8.69 -2.90 -20.12
N ALA B 198 -8.17 -1.91 -19.38
CA ALA B 198 -8.77 -0.60 -19.14
C ALA B 198 -8.96 0.15 -20.47
N PRO B 199 -9.97 1.06 -20.61
CA PRO B 199 -10.16 1.73 -21.91
C PRO B 199 -8.94 2.50 -22.42
N GLU B 200 -8.14 3.13 -21.53
CA GLU B 200 -6.92 3.83 -21.96
C GLU B 200 -5.80 2.87 -22.42
N VAL B 201 -5.80 1.63 -21.89
CA VAL B 201 -4.83 0.58 -22.25
C VAL B 201 -5.23 -0.05 -23.59
N ILE B 202 -6.52 -0.44 -23.74
CA ILE B 202 -7.07 -1.05 -24.95
C ILE B 202 -6.91 -0.10 -26.18
N ARG B 203 -7.02 1.24 -25.99
CA ARG B 203 -6.87 2.26 -27.04
C ARG B 203 -5.44 2.31 -27.60
N MET B 204 -4.42 2.00 -26.77
CA MET B 204 -2.98 1.98 -27.12
C MET B 204 -2.45 3.32 -27.70
N GLN B 205 -3.10 4.44 -27.34
CA GLN B 205 -2.73 5.78 -27.83
C GLN B 205 -1.54 6.41 -27.11
N ASP B 206 -1.52 6.35 -25.75
CA ASP B 206 -0.51 6.98 -24.88
C ASP B 206 0.83 6.22 -24.71
N SER B 207 1.28 5.44 -25.75
CA SER B 207 2.52 4.64 -25.77
C SER B 207 2.53 3.58 -24.66
N ASN B 208 2.86 3.99 -23.40
CA ASN B 208 2.76 3.17 -22.18
C ASN B 208 1.52 3.69 -21.42
N PRO B 209 0.34 3.07 -21.65
CA PRO B 209 -0.87 3.53 -20.95
C PRO B 209 -1.06 2.83 -19.61
N TYR B 210 0.03 2.17 -19.11
CA TYR B 210 0.06 1.40 -17.88
C TYR B 210 0.37 2.24 -16.65
N SER B 211 -0.56 2.19 -15.69
CA SER B 211 -0.50 2.92 -14.42
C SER B 211 -1.07 2.05 -13.30
N PHE B 212 -0.93 2.54 -12.05
CA PHE B 212 -1.51 1.90 -10.87
C PHE B 212 -3.07 1.80 -11.00
N GLN B 213 -3.69 2.64 -11.87
CA GLN B 213 -5.14 2.69 -12.13
C GLN B 213 -5.63 1.65 -13.12
N SER B 214 -4.75 1.24 -14.08
CA SER B 214 -5.03 0.17 -15.07
C SER B 214 -5.18 -1.13 -14.26
N ASP B 215 -4.26 -1.35 -13.29
CA ASP B 215 -4.28 -2.48 -12.36
C ASP B 215 -5.58 -2.53 -11.58
N VAL B 216 -6.10 -1.34 -11.14
CA VAL B 216 -7.38 -1.18 -10.42
C VAL B 216 -8.57 -1.60 -11.33
N TYR B 217 -8.55 -1.23 -12.64
CA TYR B 217 -9.61 -1.63 -13.59
C TYR B 217 -9.59 -3.14 -13.76
N ALA B 218 -8.38 -3.73 -13.91
CA ALA B 218 -8.18 -5.17 -14.06
C ALA B 218 -8.75 -5.87 -12.82
N PHE B 219 -8.56 -5.27 -11.62
CA PHE B 219 -9.10 -5.76 -10.35
C PHE B 219 -10.61 -5.65 -10.38
N GLY B 220 -11.12 -4.54 -10.95
CA GLY B 220 -12.55 -4.30 -11.11
C GLY B 220 -13.20 -5.42 -11.88
N ILE B 221 -12.49 -5.93 -12.91
CA ILE B 221 -12.88 -7.05 -13.77
C ILE B 221 -12.78 -8.38 -12.99
N VAL B 222 -11.73 -8.56 -12.16
CA VAL B 222 -11.61 -9.75 -11.32
C VAL B 222 -12.82 -9.79 -10.32
N LEU B 223 -13.20 -8.61 -9.79
CA LEU B 223 -14.35 -8.44 -8.89
C LEU B 223 -15.62 -8.81 -9.62
N TYR B 224 -15.72 -8.43 -10.91
CA TYR B 224 -16.84 -8.77 -11.78
C TYR B 224 -16.87 -10.29 -11.93
N GLU B 225 -15.72 -10.91 -12.25
CA GLU B 225 -15.59 -12.36 -12.41
C GLU B 225 -16.03 -13.11 -11.16
N LEU B 226 -15.69 -12.58 -9.96
CA LEU B 226 -16.04 -13.18 -8.66
C LEU B 226 -17.52 -13.01 -8.28
N MET B 227 -18.08 -11.81 -8.49
CA MET B 227 -19.46 -11.46 -8.10
C MET B 227 -20.55 -11.88 -9.10
N THR B 228 -20.17 -12.30 -10.32
CA THR B 228 -21.11 -12.75 -11.34
C THR B 228 -20.95 -14.25 -11.63
N GLY B 229 -19.73 -14.75 -11.42
CA GLY B 229 -19.35 -16.13 -11.74
C GLY B 229 -19.21 -16.31 -13.23
N GLN B 230 -19.10 -15.18 -13.95
CA GLN B 230 -19.02 -15.08 -15.40
C GLN B 230 -17.96 -14.05 -15.84
N LEU B 231 -17.40 -14.26 -17.04
CA LEU B 231 -16.43 -13.38 -17.68
C LEU B 231 -17.20 -12.17 -18.24
N PRO B 232 -16.57 -10.97 -18.35
CA PRO B 232 -17.30 -9.83 -18.95
C PRO B 232 -17.49 -10.03 -20.46
N TYR B 233 -18.61 -9.51 -20.98
CA TYR B 233 -19.00 -9.53 -22.40
C TYR B 233 -19.08 -10.96 -22.96
N SER B 234 -19.80 -11.85 -22.24
CA SER B 234 -20.00 -13.24 -22.64
C SER B 234 -20.87 -13.37 -23.90
N ASN B 235 -21.88 -12.48 -24.05
CA ASN B 235 -22.79 -12.42 -25.19
C ASN B 235 -22.07 -12.06 -26.49
N ILE B 236 -21.49 -10.85 -26.54
CA ILE B 236 -20.74 -10.30 -27.67
C ILE B 236 -19.37 -11.01 -27.80
N ASN B 237 -19.21 -11.82 -28.86
CA ASN B 237 -17.99 -12.57 -29.15
C ASN B 237 -17.36 -12.20 -30.52
N ASN B 238 -16.59 -11.10 -30.51
CA ASN B 238 -15.86 -10.53 -31.65
C ASN B 238 -14.73 -9.65 -31.08
N ARG B 239 -13.47 -10.08 -31.31
CA ARG B 239 -12.22 -9.47 -30.82
C ARG B 239 -12.14 -7.96 -30.99
N ASP B 240 -12.21 -7.46 -32.24
CA ASP B 240 -12.08 -6.03 -32.53
C ASP B 240 -13.33 -5.21 -32.16
N GLN B 241 -14.50 -5.89 -31.95
CA GLN B 241 -15.75 -5.24 -31.54
C GLN B 241 -15.59 -4.74 -30.10
N ILE B 242 -14.99 -5.59 -29.22
CA ILE B 242 -14.69 -5.28 -27.83
C ILE B 242 -13.57 -4.21 -27.77
N ILE B 243 -12.53 -4.34 -28.62
CA ILE B 243 -11.43 -3.36 -28.72
C ILE B 243 -12.00 -1.97 -29.04
N GLU B 244 -12.95 -1.91 -29.99
CA GLU B 244 -13.61 -0.66 -30.40
C GLU B 244 -14.58 -0.14 -29.36
N MET B 245 -15.51 -0.99 -28.88
CA MET B 245 -16.54 -0.59 -27.93
C MET B 245 -16.04 -0.27 -26.52
N VAL B 246 -15.05 -1.01 -26.00
CA VAL B 246 -14.52 -0.75 -24.65
C VAL B 246 -13.70 0.56 -24.64
N GLY B 247 -12.86 0.75 -25.67
CA GLY B 247 -12.02 1.92 -25.85
C GLY B 247 -12.76 3.21 -26.07
N ARG B 248 -13.78 3.19 -26.95
CA ARG B 248 -14.62 4.38 -27.26
C ARG B 248 -15.50 4.75 -26.06
N GLY B 249 -15.77 3.75 -25.20
CA GLY B 249 -16.58 3.92 -24.00
C GLY B 249 -18.05 3.60 -24.19
N SER B 250 -18.36 2.57 -25.02
CA SER B 250 -19.72 2.10 -25.32
C SER B 250 -20.03 0.74 -24.69
N LEU B 251 -19.01 -0.11 -24.49
CA LEU B 251 -19.17 -1.38 -23.78
C LEU B 251 -18.64 -1.20 -22.37
N SER B 252 -19.43 -1.64 -21.40
CA SER B 252 -19.14 -1.57 -19.98
C SER B 252 -19.72 -2.83 -19.34
N PRO B 253 -19.00 -3.50 -18.41
CA PRO B 253 -19.54 -4.74 -17.81
C PRO B 253 -20.95 -4.58 -17.21
N ASP B 254 -21.81 -5.57 -17.47
CA ASP B 254 -23.20 -5.60 -17.03
C ASP B 254 -23.29 -5.92 -15.53
N LEU B 255 -23.37 -4.86 -14.70
CA LEU B 255 -23.44 -5.01 -13.24
C LEU B 255 -24.75 -5.62 -12.73
N SER B 256 -25.75 -5.79 -13.60
CA SER B 256 -27.04 -6.40 -13.24
C SER B 256 -26.92 -7.94 -13.20
N LYS B 257 -25.77 -8.47 -13.66
CA LYS B 257 -25.45 -9.89 -13.70
C LYS B 257 -24.84 -10.42 -12.38
N VAL B 258 -24.64 -9.52 -11.38
CA VAL B 258 -24.09 -9.89 -10.07
C VAL B 258 -25.15 -10.61 -9.23
N ARG B 259 -24.75 -11.69 -8.53
CA ARG B 259 -25.67 -12.52 -7.75
C ARG B 259 -26.33 -11.78 -6.56
N SER B 260 -27.49 -12.29 -6.10
CA SER B 260 -28.33 -11.76 -5.03
C SER B 260 -27.61 -11.52 -3.69
N ASN B 261 -26.74 -12.46 -3.30
CA ASN B 261 -25.97 -12.43 -2.05
C ASN B 261 -24.88 -11.33 -2.03
N CYS B 262 -24.55 -10.74 -3.21
CA CYS B 262 -23.55 -9.69 -3.37
C CYS B 262 -23.99 -8.42 -2.64
N PRO B 263 -23.19 -7.94 -1.64
CA PRO B 263 -23.56 -6.70 -0.95
C PRO B 263 -23.52 -5.50 -1.88
N LYS B 264 -24.34 -4.48 -1.58
CA LYS B 264 -24.44 -3.25 -2.35
C LYS B 264 -23.10 -2.51 -2.34
N ARG B 265 -22.36 -2.64 -1.22
CA ARG B 265 -21.03 -2.05 -1.02
C ARG B 265 -20.00 -2.62 -2.01
N MET B 266 -20.09 -3.94 -2.31
CA MET B 266 -19.21 -4.58 -3.26
C MET B 266 -19.50 -4.09 -4.66
N LYS B 267 -20.79 -3.95 -5.01
CA LYS B 267 -21.24 -3.46 -6.32
C LYS B 267 -20.76 -2.03 -6.56
N ARG B 268 -20.81 -1.18 -5.52
CA ARG B 268 -20.37 0.22 -5.59
C ARG B 268 -18.86 0.34 -5.84
N LEU B 269 -18.03 -0.42 -5.08
CA LEU B 269 -16.57 -0.45 -5.22
C LEU B 269 -16.18 -1.03 -6.59
N MET B 270 -16.89 -2.07 -7.02
CA MET B 270 -16.71 -2.71 -8.32
C MET B 270 -16.87 -1.64 -9.40
N ALA B 271 -18.02 -0.91 -9.38
CA ALA B 271 -18.33 0.19 -10.29
C ALA B 271 -17.21 1.25 -10.34
N GLU B 272 -16.66 1.62 -9.16
CA GLU B 272 -15.60 2.61 -8.97
C GLU B 272 -14.31 2.19 -9.67
N CYS B 273 -13.91 0.92 -9.51
CA CYS B 273 -12.73 0.30 -10.12
C CYS B 273 -12.88 0.30 -11.64
N LEU B 274 -14.10 -0.03 -12.12
CA LEU B 274 -14.50 -0.14 -13.52
C LEU B 274 -14.77 1.22 -14.24
N LYS B 275 -14.42 2.35 -13.61
CA LYS B 275 -14.64 3.68 -14.18
C LYS B 275 -13.73 3.99 -15.38
N LYS B 276 -14.32 4.55 -16.47
CA LYS B 276 -13.64 4.92 -17.71
C LYS B 276 -12.54 5.97 -17.50
N LYS B 277 -12.76 6.97 -16.62
CA LYS B 277 -11.75 7.98 -16.33
C LYS B 277 -10.78 7.45 -15.27
N ARG B 278 -9.56 7.09 -15.68
CA ARG B 278 -8.51 6.51 -14.84
C ARG B 278 -8.25 7.25 -13.54
N ASP B 279 -8.29 8.61 -13.55
CA ASP B 279 -8.07 9.46 -12.38
C ASP B 279 -9.18 9.35 -11.31
N GLU B 280 -10.39 8.90 -11.71
CA GLU B 280 -11.54 8.72 -10.82
C GLU B 280 -11.55 7.37 -10.09
N ARG B 281 -10.69 6.42 -10.54
CA ARG B 281 -10.57 5.06 -9.98
C ARG B 281 -9.94 5.07 -8.60
N PRO B 282 -10.45 4.25 -7.64
CA PRO B 282 -9.86 4.23 -6.29
C PRO B 282 -8.51 3.53 -6.21
N SER B 283 -7.68 3.93 -5.24
CA SER B 283 -6.38 3.32 -4.97
C SER B 283 -6.58 1.97 -4.23
N PHE B 284 -5.57 1.05 -4.27
CA PHE B 284 -5.67 -0.20 -3.51
C PHE B 284 -5.70 0.05 -1.99
N PRO B 285 -5.03 1.09 -1.39
CA PRO B 285 -5.26 1.38 0.04
C PRO B 285 -6.74 1.65 0.38
N ARG B 286 -7.50 2.32 -0.52
CA ARG B 286 -8.94 2.58 -0.37
C ARG B 286 -9.74 1.29 -0.64
N ILE B 287 -9.49 0.61 -1.81
CA ILE B 287 -10.13 -0.67 -2.16
C ILE B 287 -10.01 -1.66 -0.99
N LEU B 288 -8.79 -1.84 -0.45
CA LEU B 288 -8.54 -2.71 0.69
C LEU B 288 -9.35 -2.32 1.93
N ALA B 289 -9.36 -1.01 2.31
CA ALA B 289 -10.12 -0.48 3.46
C ALA B 289 -11.62 -0.76 3.32
N GLU B 290 -12.17 -0.57 2.10
CA GLU B 290 -13.58 -0.85 1.80
C GLU B 290 -13.92 -2.32 1.94
N ILE B 291 -13.13 -3.24 1.30
CA ILE B 291 -13.35 -4.69 1.34
C ILE B 291 -13.28 -5.26 2.76
N GLU B 292 -12.21 -4.93 3.50
CA GLU B 292 -12.04 -5.46 4.85
C GLU B 292 -13.19 -5.01 5.78
N GLU B 293 -13.70 -3.77 5.60
CA GLU B 293 -14.84 -3.22 6.36
C GLU B 293 -16.18 -3.81 5.86
N LEU B 294 -16.28 -4.13 4.55
CA LEU B 294 -17.43 -4.75 3.85
C LEU B 294 -17.88 -6.07 4.53
N ALA B 295 -17.10 -6.56 5.51
CA ALA B 295 -17.39 -7.72 6.35
C ALA B 295 -17.10 -7.32 7.84
N ARG B 296 -18.08 -6.79 8.67
CA ARG B 296 -19.54 -6.53 8.54
C ARG B 296 -20.37 -7.83 8.40
N GLU B 297 -20.56 -8.34 7.17
CA GLU B 297 -21.33 -9.58 6.93
C GLU B 297 -20.54 -10.83 7.39
N LEU B 298 -21.27 -11.93 7.70
CA LEU B 298 -20.77 -13.24 8.16
C LEU B 298 -19.92 -13.16 9.43
O24 324 C . -0.04 4.70 16.50
S22 324 C . 0.92 3.80 17.08
O23 324 C . 0.35 3.55 18.39
C25 324 C . 1.04 2.35 16.06
C26 324 C . -0.05 1.33 16.40
C27 324 C . -0.05 0.16 15.45
N21 324 C . 2.37 4.56 17.21
C17 324 C . 3.52 3.88 17.71
C18 324 C . 4.77 4.19 17.19
F20 324 C . 4.87 5.08 16.19
C16 324 C . 3.42 2.93 18.75
C15 324 C . 4.56 2.27 19.20
C14 324 C . 5.80 2.60 18.66
F19 324 C . 6.89 1.97 19.09
C13 324 C . 5.90 3.52 17.64
C11 324 C . 7.25 3.85 17.05
O12 324 C . 7.70 4.97 17.18
C9 324 C . 8.02 2.82 16.25
C8 324 C . 7.59 1.58 15.77
C2 324 C . 9.36 2.99 15.77
C1 324 C . 10.36 4.00 15.89
C3 324 C . 9.66 1.83 15.09
N7 324 C . 8.57 1.02 15.10
N4 324 C . 10.87 1.68 14.49
C5 324 C . 11.82 2.61 14.56
C6 324 C . 11.60 3.78 15.27
CL10 324 C . 12.83 5.00 15.42
O24 324 D . 6.04 -12.98 -12.08
S22 324 D . 6.35 -14.35 -11.83
O23 324 D . 7.65 -14.47 -12.45
C25 324 D . 6.36 -14.70 -10.08
C26 324 D . 7.48 -13.96 -9.39
C27 324 D . 7.67 -14.46 -7.98
N21 324 D . 5.28 -15.34 -12.56
C17 324 D . 5.38 -16.76 -12.48
C18 324 D . 4.21 -17.49 -12.42
F20 324 D . 3.03 -16.86 -12.40
C16 324 D . 6.62 -17.40 -12.54
C15 324 D . 6.69 -18.78 -12.42
C14 324 D . 5.53 -19.52 -12.35
F19 324 D . 5.63 -20.83 -12.28
C13 324 D . 4.27 -18.88 -12.36
C11 324 D . 2.96 -19.66 -12.22
O12 324 D . 2.11 -19.59 -13.08
C9 324 D . 2.68 -20.47 -10.98
C8 324 D . 3.39 -20.44 -9.77
C2 324 D . 1.58 -21.38 -10.78
C1 324 D . 0.49 -21.88 -11.59
C3 324 D . 1.73 -21.87 -9.50
N7 324 D . 2.80 -21.28 -8.92
N4 324 D . 0.86 -22.79 -8.99
C5 324 D . -0.17 -23.26 -9.70
C6 324 D . -0.39 -22.84 -11.01
CL10 324 D . -1.72 -23.48 -11.93
#